data_3L6A
#
_entry.id   3L6A
#
_cell.length_a   31.084
_cell.length_b   102.270
_cell.length_c   112.973
_cell.angle_alpha   90.000
_cell.angle_beta   90.000
_cell.angle_gamma   90.000
#
_symmetry.space_group_name_H-M   'P 21 21 21'
#
loop_
_entity.id
_entity.type
_entity.pdbx_description
1 polymer 'Eukaryotic translation initiation factor 4 gamma 2'
2 non-polymer '2-(N-MORPHOLINO)-ETHANESULFONIC ACID'
3 non-polymer 'TETRAETHYLENE GLYCOL'
4 non-polymer DI(HYDROXYETHYL)ETHER
5 non-polymer 'SULFATE ION'
6 water water
#
_entity_poly.entity_id   1
_entity_poly.type   'polypeptide(L)'
_entity_poly.pdbx_seq_one_letter_code
;HHHHHHSKEELLKLTETVVTEYLNSGNANEAVNGVREMRAPKHFLPEMLSKVIILSLDRSDEDKEKASSLISLLKQEGIA
TSDNFMQAFLNVLDQCPKLEVDIPLVKSYLAQFAARAIISELVSISELAQPLESGTHFPLFLLCLQQLAKLQDREWLTEL
FQQSKVNMQKMLPEIDQNKDRMLEILEGKGLSFLFPLLKLEKELLKQIKLDPSPQTIYKWIKDNISPKLHVDKGFVNILM
TSFLQYISSEVNPPSDETDSSSAPSKEQLEQEKQLLLSFKPVMQKFLHDHVDLQVSALYALQVHCYNSNFPKGMLLRFFV
HFYDMEIIEEEAFLAWKEDITQEFPGKGKALFQVNQWLTWLETA
;
_entity_poly.pdbx_strand_id   A
#
# COMPACT_ATOMS: atom_id res chain seq x y z
N HIS A 5 17.34 45.70 -12.50
CA HIS A 5 16.22 46.17 -13.38
C HIS A 5 15.90 45.18 -14.50
N HIS A 6 16.00 43.88 -14.19
CA HIS A 6 15.80 42.80 -15.17
C HIS A 6 14.37 42.26 -15.14
N SER A 7 13.75 42.15 -16.31
CA SER A 7 12.34 41.75 -16.41
C SER A 7 12.14 40.23 -16.27
N LYS A 8 10.88 39.86 -16.07
CA LYS A 8 10.44 38.46 -16.01
C LYS A 8 10.84 37.69 -17.28
N GLU A 9 10.66 38.33 -18.44
CA GLU A 9 10.90 37.71 -19.74
C GLU A 9 12.38 37.56 -20.06
N GLU A 10 13.18 38.55 -19.68
CA GLU A 10 14.63 38.48 -19.81
C GLU A 10 15.18 37.27 -19.06
N LEU A 11 14.79 37.14 -17.80
CA LEU A 11 15.29 36.10 -16.91
C LEU A 11 14.81 34.69 -17.33
N LEU A 12 13.64 34.61 -17.94
CA LEU A 12 13.10 33.37 -18.50
C LEU A 12 13.84 32.96 -19.78
N LYS A 13 14.16 33.96 -20.61
CA LYS A 13 14.99 33.74 -21.78
C LYS A 13 16.40 33.28 -21.39
N LEU A 14 17.00 33.93 -20.39
CA LEU A 14 18.28 33.48 -19.83
C LEU A 14 18.19 32.04 -19.31
N THR A 15 17.10 31.74 -18.61
CA THR A 15 16.82 30.38 -18.11
C THR A 15 16.80 29.36 -19.25
N GLU A 16 16.14 29.72 -20.35
CA GLU A 16 16.04 28.83 -21.49
C GLU A 16 17.42 28.45 -22.07
N THR A 17 18.33 29.41 -22.13
CA THR A 17 19.69 29.13 -22.63
C THR A 17 20.43 28.14 -21.73
N VAL A 18 20.39 28.39 -20.42
CA VAL A 18 20.97 27.50 -19.41
C VAL A 18 20.44 26.07 -19.57
N VAL A 19 19.13 25.95 -19.83
CA VAL A 19 18.51 24.64 -19.99
C VAL A 19 19.00 23.94 -21.25
N THR A 20 18.95 24.67 -22.38
CA THR A 20 19.42 24.13 -23.67
C THR A 20 20.87 23.60 -23.61
N GLU A 21 21.75 24.31 -22.89
CA GLU A 21 23.16 23.93 -22.77
C GLU A 21 23.40 22.77 -21.80
N TYR A 22 22.61 22.71 -20.73
CA TYR A 22 22.76 21.62 -19.77
C TYR A 22 22.29 20.30 -20.37
N LEU A 23 21.24 20.37 -21.18
CA LEU A 23 20.67 19.19 -21.83
C LEU A 23 21.62 18.65 -22.89
N ASN A 24 22.45 19.53 -23.45
CA ASN A 24 23.49 19.15 -24.39
C ASN A 24 24.71 18.51 -23.73
N SER A 25 25.22 19.17 -22.69
CA SER A 25 26.58 18.92 -22.20
C SER A 25 26.63 18.17 -20.88
N GLY A 26 25.57 18.29 -20.09
CA GLY A 26 25.55 17.79 -18.73
C GLY A 26 26.60 18.48 -17.88
N ASN A 27 26.83 19.77 -18.14
CA ASN A 27 27.83 20.56 -17.43
CA ASN A 27 27.85 20.48 -17.39
C ASN A 27 27.31 21.08 -16.09
N ALA A 28 27.61 20.37 -15.00
CA ALA A 28 27.19 20.81 -13.67
C ALA A 28 27.85 22.15 -13.34
N ASN A 29 29.18 22.21 -13.53
CA ASN A 29 29.92 23.45 -13.28
C ASN A 29 29.39 24.65 -14.08
N GLU A 30 29.13 24.44 -15.38
CA GLU A 30 28.69 25.55 -16.26
C GLU A 30 27.21 25.94 -16.15
N ALA A 31 26.36 24.97 -15.81
CA ALA A 31 24.94 25.24 -15.53
C ALA A 31 24.80 26.19 -14.34
N VAL A 32 25.51 25.87 -13.26
CA VAL A 32 25.57 26.70 -12.07
C VAL A 32 26.16 28.07 -12.39
N ASN A 33 27.22 28.09 -13.19
CA ASN A 33 27.83 29.34 -13.65
C ASN A 33 26.80 30.20 -14.39
N GLY A 34 26.09 29.56 -15.32
CA GLY A 34 25.03 30.23 -16.09
C GLY A 34 23.96 30.83 -15.21
N VAL A 35 23.51 30.08 -14.21
CA VAL A 35 22.46 30.55 -13.29
C VAL A 35 22.98 31.68 -12.39
N ARG A 36 24.23 31.57 -11.95
CA ARG A 36 24.87 32.61 -11.14
C ARG A 36 25.05 33.92 -11.92
N GLU A 37 25.50 33.82 -13.17
CA GLU A 37 25.66 35.01 -14.03
C GLU A 37 24.34 35.75 -14.25
N MET A 38 23.24 35.02 -14.12
CA MET A 38 21.90 35.55 -14.26
C MET A 38 21.63 36.62 -13.21
N ARG A 39 22.20 36.43 -12.02
CA ARG A 39 21.99 37.32 -10.88
C ARG A 39 20.49 37.56 -10.65
N ALA A 40 19.73 36.46 -10.72
CA ALA A 40 18.27 36.50 -10.61
C ALA A 40 17.86 36.89 -9.20
N PRO A 41 16.82 37.74 -9.06
CA PRO A 41 16.27 38.05 -7.74
C PRO A 41 15.59 36.82 -7.12
N LYS A 42 15.55 36.78 -5.79
CA LYS A 42 14.98 35.64 -5.07
C LYS A 42 13.52 35.36 -5.43
N HIS A 43 12.77 36.42 -5.78
CA HIS A 43 11.35 36.27 -6.13
C HIS A 43 11.13 35.54 -7.45
N PHE A 44 12.15 35.58 -8.32
CA PHE A 44 12.12 34.87 -9.61
C PHE A 44 12.51 33.38 -9.50
N LEU A 45 13.05 32.95 -8.37
CA LEU A 45 13.53 31.54 -8.25
C LEU A 45 12.49 30.46 -8.60
N PRO A 46 11.29 30.52 -7.99
CA PRO A 46 10.25 29.57 -8.37
C PRO A 46 9.87 29.62 -9.86
N GLU A 47 9.79 30.83 -10.43
CA GLU A 47 9.49 30.98 -11.86
C GLU A 47 10.57 30.32 -12.74
N MET A 48 11.84 30.54 -12.39
CA MET A 48 12.98 29.87 -13.05
C MET A 48 12.86 28.35 -12.99
N LEU A 49 12.60 27.80 -11.81
CA LEU A 49 12.49 26.35 -11.67
C LEU A 49 11.30 25.79 -12.47
N SER A 50 10.17 26.48 -12.48
CA SER A 50 9.02 25.96 -13.20
C SER A 50 9.27 26.02 -14.72
N LYS A 51 10.07 27.00 -15.16
CA LYS A 51 10.53 27.10 -16.56
C LYS A 51 11.42 25.92 -16.93
N VAL A 52 12.36 25.59 -16.04
CA VAL A 52 13.18 24.39 -16.20
C VAL A 52 12.33 23.12 -16.42
N ILE A 53 11.29 22.94 -15.60
CA ILE A 53 10.36 21.82 -15.73
C ILE A 53 9.59 21.84 -17.06
N ILE A 54 8.98 22.98 -17.37
CA ILE A 54 8.12 23.08 -18.56
C ILE A 54 8.90 22.94 -19.89
N LEU A 55 10.08 23.55 -19.98
CA LEU A 55 10.94 23.38 -21.15
C LEU A 55 11.31 21.94 -21.43
N SER A 56 11.37 21.12 -20.37
CA SER A 56 11.81 19.73 -20.46
C SER A 56 10.70 18.70 -20.68
N LEU A 57 9.46 19.12 -20.44
CA LEU A 57 8.34 18.18 -20.30
C LEU A 57 8.08 17.33 -21.51
N ASP A 58 8.04 17.96 -22.69
CA ASP A 58 7.79 17.27 -23.95
C ASP A 58 9.06 16.91 -24.69
N ARG A 59 10.17 16.81 -23.96
CA ARG A 59 11.41 16.27 -24.50
C ARG A 59 11.55 14.83 -24.01
N SER A 60 12.71 14.22 -24.24
CA SER A 60 12.92 12.80 -23.95
C SER A 60 12.91 12.50 -22.46
N ASP A 61 12.69 11.24 -22.12
CA ASP A 61 12.84 10.75 -20.75
C ASP A 61 14.22 11.12 -20.20
N GLU A 62 15.23 10.99 -21.06
CA GLU A 62 16.61 11.31 -20.71
C GLU A 62 16.82 12.81 -20.43
N ASP A 63 16.22 13.67 -21.24
CA ASP A 63 16.26 15.13 -20.98
C ASP A 63 15.51 15.54 -19.71
N LYS A 64 14.43 14.83 -19.42
CA LYS A 64 13.67 15.03 -18.18
C LYS A 64 14.52 14.66 -16.96
N GLU A 65 15.26 13.55 -17.05
CA GLU A 65 16.20 13.15 -16.01
CA GLU A 65 16.22 13.16 -16.01
C GLU A 65 17.24 14.27 -15.80
N LYS A 66 17.74 14.82 -16.91
CA LYS A 66 18.73 15.91 -16.85
C LYS A 66 18.18 17.18 -16.20
N ALA A 67 16.95 17.53 -16.54
CA ALA A 67 16.29 18.69 -15.92
C ALA A 67 16.13 18.54 -14.41
N SER A 68 15.75 17.34 -13.96
CA SER A 68 15.62 17.02 -12.53
C SER A 68 16.97 17.10 -11.83
N SER A 69 18.01 16.62 -12.50
CA SER A 69 19.38 16.72 -11.97
C SER A 69 19.85 18.16 -11.80
N LEU A 70 19.54 19.02 -12.77
CA LEU A 70 19.83 20.45 -12.70
C LEU A 70 19.15 21.10 -11.49
N ILE A 71 17.87 20.82 -11.31
CA ILE A 71 17.13 21.34 -10.15
C ILE A 71 17.79 20.95 -8.84
N SER A 72 18.16 19.66 -8.74
CA SER A 72 18.81 19.13 -7.55
C SER A 72 20.17 19.81 -7.31
N LEU A 73 20.88 20.05 -8.40
CA LEU A 73 22.18 20.72 -8.35
CA LEU A 73 22.18 20.71 -8.36
C LEU A 73 22.07 22.15 -7.83
N LEU A 74 21.04 22.88 -8.29
CA LEU A 74 20.81 24.26 -7.84
C LEU A 74 20.50 24.35 -6.35
N LYS A 75 19.79 23.33 -5.83
CA LYS A 75 19.56 23.23 -4.41
C LYS A 75 20.86 22.90 -3.65
N GLN A 76 21.62 21.93 -4.17
CA GLN A 76 22.90 21.54 -3.55
C GLN A 76 23.87 22.73 -3.46
N GLU A 77 23.75 23.65 -4.42
CA GLU A 77 24.60 24.83 -4.50
C GLU A 77 24.03 26.01 -3.72
N GLY A 78 22.88 25.83 -3.10
CA GLY A 78 22.22 26.90 -2.35
C GLY A 78 21.69 28.04 -3.21
N ILE A 79 21.49 27.78 -4.50
CA ILE A 79 20.94 28.80 -5.39
C ILE A 79 19.43 28.86 -5.21
N ALA A 80 18.82 27.71 -4.96
CA ALA A 80 17.40 27.61 -4.70
C ALA A 80 17.16 26.62 -3.56
N THR A 81 15.94 26.64 -3.01
CA THR A 81 15.58 25.80 -1.88
C THR A 81 14.57 24.72 -2.27
N SER A 82 14.36 23.76 -1.36
CA SER A 82 13.27 22.82 -1.46
C SER A 82 11.94 23.58 -1.55
N ASP A 83 11.79 24.62 -0.75
CA ASP A 83 10.57 25.41 -0.81
C ASP A 83 10.33 26.06 -2.18
N ASN A 84 11.38 26.62 -2.78
CA ASN A 84 11.31 27.14 -4.16
C ASN A 84 10.88 26.06 -5.14
N PHE A 85 11.45 24.85 -5.00
CA PHE A 85 11.02 23.74 -5.88
C PHE A 85 9.53 23.45 -5.73
N MET A 86 9.06 23.37 -4.51
CA MET A 86 7.63 23.13 -4.24
C MET A 86 6.74 24.20 -4.83
N GLN A 87 7.07 25.47 -4.62
CA GLN A 87 6.35 26.58 -5.26
CA GLN A 87 6.31 26.54 -5.24
C GLN A 87 6.30 26.37 -6.76
N ALA A 88 7.46 26.12 -7.35
CA ALA A 88 7.56 25.90 -8.80
C ALA A 88 6.72 24.71 -9.25
N PHE A 89 6.85 23.58 -8.56
CA PHE A 89 6.12 22.38 -8.92
C PHE A 89 4.61 22.61 -8.90
N LEU A 90 4.12 23.29 -7.86
CA LEU A 90 2.70 23.57 -7.74
C LEU A 90 2.23 24.47 -8.87
N ASN A 91 3.03 25.46 -9.23
CA ASN A 91 2.74 26.35 -10.35
C ASN A 91 2.59 25.55 -11.65
N VAL A 92 3.48 24.59 -11.90
CA VAL A 92 3.30 23.70 -13.06
C VAL A 92 2.03 22.83 -12.93
N LEU A 93 1.82 22.21 -11.76
CA LEU A 93 0.61 21.38 -11.51
C LEU A 93 -0.67 22.14 -11.83
N ASP A 94 -0.75 23.39 -11.39
CA ASP A 94 -1.91 24.23 -11.68
C ASP A 94 -2.18 24.40 -13.19
N GLN A 95 -1.15 24.27 -14.02
CA GLN A 95 -1.25 24.44 -15.48
C GLN A 95 -1.46 23.12 -16.21
N CYS A 96 -1.55 22.03 -15.44
CA CYS A 96 -1.77 20.70 -15.98
C CYS A 96 -2.80 20.59 -17.12
N PRO A 97 -4.04 21.11 -16.91
CA PRO A 97 -5.01 21.09 -18.02
C PRO A 97 -4.52 21.78 -19.29
N LYS A 98 -3.92 22.96 -19.13
CA LYS A 98 -3.41 23.69 -20.29
C LYS A 98 -2.27 22.92 -20.97
N LEU A 99 -1.36 22.38 -20.16
CA LEU A 99 -0.19 21.66 -20.69
C LEU A 99 -0.56 20.36 -21.40
N GLU A 100 -1.57 19.70 -20.88
CA GLU A 100 -2.06 18.43 -21.42
C GLU A 100 -2.57 18.55 -22.86
N VAL A 101 -3.15 19.71 -23.18
CA VAL A 101 -3.57 20.04 -24.55
C VAL A 101 -2.43 19.77 -25.55
N ASP A 102 -1.24 20.24 -25.22
CA ASP A 102 -0.08 20.15 -26.11
C ASP A 102 0.87 19.00 -25.74
N ILE A 103 0.76 18.52 -24.49
CA ILE A 103 1.59 17.41 -23.98
C ILE A 103 0.69 16.31 -23.38
N PRO A 104 0.09 15.44 -24.23
CA PRO A 104 -0.89 14.45 -23.75
C PRO A 104 -0.45 13.56 -22.58
N LEU A 105 0.85 13.28 -22.48
CA LEU A 105 1.36 12.45 -21.40
C LEU A 105 1.90 13.25 -20.21
N VAL A 106 1.41 14.47 -20.05
CA VAL A 106 2.00 15.41 -19.10
C VAL A 106 1.98 14.87 -17.66
N LYS A 107 0.91 14.18 -17.29
CA LYS A 107 0.79 13.62 -15.93
C LYS A 107 1.88 12.59 -15.64
N SER A 108 2.09 11.68 -16.58
CA SER A 108 3.16 10.69 -16.49
CA SER A 108 3.16 10.69 -16.43
C SER A 108 4.53 11.38 -16.39
N TYR A 109 4.71 12.41 -17.21
CA TYR A 109 5.96 13.20 -17.21
C TYR A 109 6.18 13.98 -15.92
N LEU A 110 5.14 14.67 -15.46
CA LEU A 110 5.18 15.35 -14.18
C LEU A 110 5.48 14.37 -13.04
N ALA A 111 4.97 13.15 -13.17
CA ALA A 111 5.19 12.10 -12.18
C ALA A 111 6.67 11.73 -12.10
N GLN A 112 7.37 11.80 -13.24
CA GLN A 112 8.83 11.61 -13.28
C GLN A 112 9.57 12.67 -12.47
N PHE A 113 9.17 13.93 -12.61
CA PHE A 113 9.76 15.04 -11.84
C PHE A 113 9.51 14.91 -10.33
N ALA A 114 8.26 14.57 -9.98
CA ALA A 114 7.89 14.36 -8.58
C ALA A 114 8.70 13.24 -7.93
N ALA A 115 8.82 12.11 -8.63
CA ALA A 115 9.58 10.94 -8.14
C ALA A 115 11.03 11.29 -7.90
N ARG A 116 11.65 11.93 -8.88
CA ARG A 116 13.05 12.32 -8.75
C ARG A 116 13.28 13.39 -7.67
N ALA A 117 12.32 14.28 -7.48
CA ALA A 117 12.45 15.31 -6.44
C ALA A 117 12.37 14.70 -5.05
N ILE A 118 11.53 13.67 -4.91
CA ILE A 118 11.36 12.97 -3.64
C ILE A 118 12.65 12.23 -3.33
N ILE A 119 13.17 11.54 -4.35
CA ILE A 119 14.41 10.78 -4.21
C ILE A 119 15.55 11.72 -3.78
N SER A 120 15.61 12.91 -4.37
CA SER A 120 16.65 13.89 -4.02
CA SER A 120 16.63 13.90 -4.04
C SER A 120 16.30 14.74 -2.80
N GLU A 121 15.20 14.40 -2.11
CA GLU A 121 14.82 15.05 -0.85
C GLU A 121 14.29 16.49 -0.97
N LEU A 122 13.79 16.85 -2.15
CA LEU A 122 13.26 18.19 -2.41
C LEU A 122 11.80 18.36 -1.98
N VAL A 123 11.10 17.23 -1.89
CA VAL A 123 9.71 17.19 -1.47
C VAL A 123 9.46 15.79 -0.92
N SER A 124 8.55 15.66 0.04
CA SER A 124 8.22 14.37 0.63
C SER A 124 6.96 13.79 -0.01
N ILE A 125 6.72 12.49 0.19
CA ILE A 125 5.42 11.90 -0.20
C ILE A 125 4.27 12.55 0.54
N SER A 126 4.43 12.73 1.85
CA SER A 126 3.38 13.35 2.67
C SER A 126 3.03 14.77 2.17
N GLU A 127 4.04 15.55 1.81
CA GLU A 127 3.82 16.88 1.20
C GLU A 127 3.12 16.77 -0.17
N LEU A 128 3.61 15.87 -1.01
CA LEU A 128 3.03 15.69 -2.34
C LEU A 128 1.54 15.30 -2.28
N ALA A 129 1.19 14.52 -1.28
CA ALA A 129 -0.20 14.11 -1.04
C ALA A 129 -1.14 15.26 -0.77
N GLN A 130 -0.63 16.36 -0.21
CA GLN A 130 -1.47 17.48 0.20
C GLN A 130 -2.27 18.14 -0.94
N PRO A 131 -1.60 18.71 -1.97
CA PRO A 131 -2.35 19.31 -3.07
C PRO A 131 -3.03 18.29 -3.98
N LEU A 132 -2.72 17.01 -3.80
CA LEU A 132 -3.29 15.94 -4.63
C LEU A 132 -4.40 15.11 -3.97
N GLU A 133 -4.73 15.42 -2.72
CA GLU A 133 -5.73 14.64 -1.97
C GLU A 133 -7.08 14.63 -2.68
N SER A 134 -7.85 13.56 -2.50
CA SER A 134 -9.19 13.43 -3.09
C SER A 134 -9.17 13.47 -4.62
N GLY A 135 -8.10 12.92 -5.22
CA GLY A 135 -8.04 12.76 -6.68
C GLY A 135 -7.79 14.00 -7.51
N THR A 136 -7.14 15.00 -6.92
CA THR A 136 -6.76 16.17 -7.70
C THR A 136 -5.68 15.74 -8.67
N HIS A 137 -5.90 16.08 -9.94
CA HIS A 137 -5.02 15.69 -11.02
C HIS A 137 -4.93 14.24 -11.51
N PHE A 138 -5.95 13.40 -11.36
CA PHE A 138 -5.82 12.11 -10.72
C PHE A 138 -5.60 11.52 -12.15
N PRO A 139 -4.78 10.46 -12.33
CA PRO A 139 -4.08 9.60 -11.39
C PRO A 139 -2.65 10.02 -11.07
N LEU A 140 -2.34 11.32 -11.22
CA LEU A 140 -0.97 11.81 -10.95
C LEU A 140 -0.27 11.24 -9.72
N PHE A 141 -0.92 11.31 -8.55
CA PHE A 141 -0.29 10.83 -7.32
C PHE A 141 0.13 9.37 -7.45
N LEU A 142 -0.74 8.55 -8.03
CA LEU A 142 -0.43 7.13 -8.24
C LEU A 142 0.68 6.93 -9.26
N LEU A 143 0.75 7.80 -10.26
CA LEU A 143 1.84 7.70 -11.24
C LEU A 143 3.19 8.07 -10.62
N CYS A 144 3.19 9.03 -9.68
CA CYS A 144 4.40 9.33 -8.91
CA CYS A 144 4.41 9.32 -8.91
C CYS A 144 4.88 8.08 -8.19
N LEU A 145 3.93 7.35 -7.58
CA LEU A 145 4.26 6.10 -6.88
C LEU A 145 4.81 5.05 -7.84
N GLN A 146 4.21 4.94 -9.02
CA GLN A 146 4.69 4.07 -10.10
C GLN A 146 6.15 4.36 -10.42
N GLN A 147 6.46 5.63 -10.61
CA GLN A 147 7.81 6.05 -10.94
C GLN A 147 8.78 5.80 -9.79
N LEU A 148 8.35 6.04 -8.55
CA LEU A 148 9.18 5.75 -7.40
C LEU A 148 9.58 4.28 -7.35
N ALA A 149 8.59 3.40 -7.53
CA ALA A 149 8.83 1.95 -7.51
C ALA A 149 9.81 1.55 -8.60
N LYS A 150 9.64 2.16 -9.76
CA LYS A 150 10.47 1.85 -10.92
C LYS A 150 11.92 2.33 -10.75
N LEU A 151 12.08 3.55 -10.23
CA LEU A 151 13.41 4.13 -10.07
C LEU A 151 14.16 3.56 -8.86
N GLN A 152 13.42 3.20 -7.81
CA GLN A 152 13.96 2.56 -6.63
C GLN A 152 13.53 1.09 -6.59
N ASP A 153 12.70 0.70 -5.63
CA ASP A 153 12.10 -0.65 -5.57
C ASP A 153 10.84 -0.65 -4.71
N ARG A 154 10.12 -1.77 -4.75
CA ARG A 154 8.85 -1.90 -4.02
C ARG A 154 9.03 -1.89 -2.51
N GLU A 155 10.14 -2.47 -2.03
CA GLU A 155 10.44 -2.45 -0.58
C GLU A 155 10.70 -1.03 -0.10
N TRP A 156 11.48 -0.28 -0.89
CA TRP A 156 11.78 1.11 -0.59
C TRP A 156 10.49 1.93 -0.58
N LEU A 157 9.75 1.85 -1.68
CA LEU A 157 8.47 2.55 -1.81
C LEU A 157 7.46 2.15 -0.74
N THR A 158 7.33 0.85 -0.49
CA THR A 158 6.42 0.38 0.57
C THR A 158 6.74 1.02 1.93
N GLU A 159 8.00 1.01 2.34
CA GLU A 159 8.35 1.64 3.63
C GLU A 159 8.22 3.17 3.59
N LEU A 160 8.65 3.81 2.51
CA LEU A 160 8.43 5.27 2.41
C LEU A 160 6.95 5.62 2.47
N PHE A 161 6.12 4.87 1.74
CA PHE A 161 4.66 5.10 1.80
C PHE A 161 4.13 4.90 3.20
N GLN A 162 4.63 3.86 3.88
CA GLN A 162 4.29 3.61 5.28
CA GLN A 162 4.28 3.60 5.27
C GLN A 162 4.72 4.79 6.15
N GLN A 163 5.96 5.24 5.97
CA GLN A 163 6.47 6.39 6.73
C GLN A 163 5.67 7.69 6.51
N SER A 164 5.12 7.85 5.31
CA SER A 164 4.37 9.06 4.94
C SER A 164 3.07 9.20 5.70
N LYS A 165 2.55 8.06 6.16
CA LYS A 165 1.27 8.00 6.86
C LYS A 165 0.09 8.49 6.01
N VAL A 166 0.32 8.62 4.70
CA VAL A 166 -0.75 8.94 3.76
C VAL A 166 -1.83 7.84 3.74
N ASN A 167 -3.09 8.28 3.79
CA ASN A 167 -4.22 7.37 3.64
C ASN A 167 -4.54 7.23 2.16
N MET A 168 -4.19 6.10 1.58
CA MET A 168 -4.33 5.90 0.14
C MET A 168 -5.76 6.11 -0.37
N GLN A 169 -6.75 5.62 0.36
CA GLN A 169 -8.14 5.74 -0.06
C GLN A 169 -8.53 7.21 -0.19
N LYS A 170 -8.06 8.04 0.73
CA LYS A 170 -8.32 9.48 0.68
C LYS A 170 -7.68 10.22 -0.51
N MET A 171 -6.79 9.54 -1.23
CA MET A 171 -6.08 10.12 -2.40
C MET A 171 -6.86 9.89 -3.71
N LEU A 172 -7.89 9.07 -3.63
CA LEU A 172 -8.70 8.71 -4.79
C LEU A 172 -9.79 9.76 -4.97
N PRO A 173 -10.34 9.87 -6.20
CA PRO A 173 -11.53 10.72 -6.38
C PRO A 173 -12.61 10.24 -5.41
N GLU A 174 -13.44 11.17 -4.94
CA GLU A 174 -14.44 10.84 -3.94
C GLU A 174 -15.33 9.65 -4.30
N ILE A 175 -15.78 9.60 -5.55
CA ILE A 175 -16.69 8.51 -5.96
C ILE A 175 -16.01 7.13 -5.99
N ASP A 176 -14.67 7.13 -5.96
CA ASP A 176 -13.85 5.90 -5.97
C ASP A 176 -13.42 5.49 -4.56
N GLN A 177 -13.75 6.31 -3.56
CA GLN A 177 -13.26 6.09 -2.20
C GLN A 177 -13.97 4.95 -1.49
N ASN A 178 -13.49 3.74 -1.77
CA ASN A 178 -14.02 2.51 -1.21
C ASN A 178 -12.91 1.47 -1.32
N LYS A 179 -12.81 0.58 -0.34
CA LYS A 179 -11.70 -0.39 -0.33
C LYS A 179 -11.66 -1.30 -1.56
N ASP A 180 -12.81 -1.74 -2.03
CA ASP A 180 -12.86 -2.63 -3.19
C ASP A 180 -12.47 -1.92 -4.47
N ARG A 181 -13.01 -0.73 -4.68
CA ARG A 181 -12.60 0.13 -5.80
C ARG A 181 -11.12 0.51 -5.72
N MET A 182 -10.63 0.84 -4.52
CA MET A 182 -9.21 1.14 -4.32
C MET A 182 -8.34 0.02 -4.85
N LEU A 183 -8.66 -1.22 -4.47
CA LEU A 183 -7.90 -2.36 -4.96
C LEU A 183 -7.94 -2.51 -6.48
N GLU A 184 -9.09 -2.23 -7.09
CA GLU A 184 -9.21 -2.28 -8.54
C GLU A 184 -8.25 -1.26 -9.17
N ILE A 185 -8.28 -0.02 -8.67
CA ILE A 185 -7.45 1.06 -9.21
C ILE A 185 -5.95 0.74 -9.05
N LEU A 186 -5.55 0.37 -7.85
CA LEU A 186 -4.14 0.05 -7.57
C LEU A 186 -3.62 -1.09 -8.43
N GLU A 187 -4.45 -2.13 -8.59
CA GLU A 187 -4.01 -3.26 -9.40
C GLU A 187 -3.77 -2.82 -10.84
N GLY A 188 -4.64 -1.95 -11.35
CA GLY A 188 -4.51 -1.41 -12.70
C GLY A 188 -3.28 -0.53 -12.94
N LYS A 189 -2.78 0.09 -11.87
CA LYS A 189 -1.57 0.93 -11.94
C LYS A 189 -0.31 0.14 -11.60
N GLY A 190 -0.48 -1.13 -11.20
CA GLY A 190 0.65 -1.98 -10.79
C GLY A 190 1.15 -1.62 -9.40
N LEU A 191 0.22 -1.26 -8.52
CA LEU A 191 0.54 -0.79 -7.17
C LEU A 191 -0.10 -1.64 -6.07
N SER A 192 -0.65 -2.80 -6.45
CA SER A 192 -1.32 -3.73 -5.52
C SER A 192 -0.45 -4.16 -4.36
N PHE A 193 0.85 -4.24 -4.62
CA PHE A 193 1.85 -4.60 -3.62
C PHE A 193 1.81 -3.72 -2.36
N LEU A 194 1.28 -2.51 -2.48
CA LEU A 194 1.15 -1.63 -1.33
C LEU A 194 0.09 -2.10 -0.32
N PHE A 195 -0.88 -2.89 -0.78
CA PHE A 195 -1.96 -3.36 0.10
C PHE A 195 -2.14 -4.88 0.01
N PRO A 196 -1.11 -5.63 0.43
CA PRO A 196 -1.20 -7.09 0.25
C PRO A 196 -2.29 -7.79 1.08
N LEU A 197 -2.61 -7.26 2.26
CA LEU A 197 -3.66 -7.90 3.06
C LEU A 197 -5.05 -7.59 2.53
N LEU A 198 -5.24 -6.38 2.00
CA LEU A 198 -6.49 -6.05 1.32
C LEU A 198 -6.70 -6.93 0.08
N LYS A 199 -5.63 -7.16 -0.68
CA LYS A 199 -5.67 -8.04 -1.84
C LYS A 199 -5.93 -9.50 -1.43
N LEU A 200 -5.34 -9.91 -0.32
CA LEU A 200 -5.54 -11.25 0.23
C LEU A 200 -7.00 -11.45 0.58
N GLU A 201 -7.58 -10.48 1.29
CA GLU A 201 -8.99 -10.53 1.71
C GLU A 201 -9.94 -10.70 0.53
N LYS A 202 -9.61 -10.04 -0.58
CA LYS A 202 -10.48 -10.10 -1.76
C LYS A 202 -10.28 -11.35 -2.61
N GLU A 203 -9.10 -11.96 -2.53
CA GLU A 203 -8.73 -13.04 -3.44
C GLU A 203 -8.62 -14.45 -2.86
N LEU A 204 -8.32 -14.57 -1.56
CA LEU A 204 -8.00 -15.88 -0.99
C LEU A 204 -9.12 -16.93 -1.10
N LEU A 205 -10.35 -16.56 -0.75
CA LEU A 205 -11.46 -17.49 -0.87
C LEU A 205 -11.64 -17.92 -2.33
N LYS A 206 -11.61 -16.96 -3.26
CA LYS A 206 -11.65 -17.29 -4.70
C LYS A 206 -10.57 -18.30 -5.09
N GLN A 207 -9.37 -18.12 -4.55
CA GLN A 207 -8.24 -18.99 -4.88
C GLN A 207 -8.44 -20.40 -4.35
N ILE A 208 -8.97 -20.51 -3.14
CA ILE A 208 -9.25 -21.81 -2.52
C ILE A 208 -10.28 -22.57 -3.35
N LYS A 209 -11.32 -21.87 -3.79
CA LYS A 209 -12.37 -22.47 -4.60
C LYS A 209 -11.83 -22.96 -5.95
N LEU A 210 -10.98 -22.14 -6.57
CA LEU A 210 -10.29 -22.45 -7.83
C LEU A 210 -9.52 -23.78 -7.80
N ASP A 211 -8.74 -23.98 -6.74
CA ASP A 211 -8.01 -25.22 -6.51
C ASP A 211 -7.81 -25.41 -5.00
N PRO A 212 -8.73 -26.17 -4.36
CA PRO A 212 -8.68 -26.42 -2.90
C PRO A 212 -7.60 -27.39 -2.42
N SER A 213 -6.75 -27.85 -3.33
CA SER A 213 -5.63 -28.70 -2.93
C SER A 213 -4.79 -27.99 -1.84
N PRO A 214 -4.59 -28.65 -0.69
CA PRO A 214 -3.78 -28.04 0.39
C PRO A 214 -2.42 -27.54 -0.07
N GLN A 215 -1.75 -28.30 -0.94
CA GLN A 215 -0.42 -27.92 -1.46
C GLN A 215 -0.47 -26.63 -2.27
N THR A 216 -1.45 -26.52 -3.18
CA THR A 216 -1.64 -25.32 -3.98
C THR A 216 -1.92 -24.09 -3.11
N ILE A 217 -2.81 -24.24 -2.13
CA ILE A 217 -3.19 -23.12 -1.26
C ILE A 217 -1.96 -22.60 -0.54
N TYR A 218 -1.20 -23.53 0.04
CA TYR A 218 0.00 -23.17 0.76
C TYR A 218 1.01 -22.44 -0.15
N LYS A 219 1.28 -23.02 -1.32
CA LYS A 219 2.20 -22.39 -2.30
C LYS A 219 1.71 -21.03 -2.77
N TRP A 220 0.40 -20.87 -2.92
CA TRP A 220 -0.13 -19.57 -3.31
C TRP A 220 0.18 -18.52 -2.23
N ILE A 221 0.00 -18.89 -0.96
CA ILE A 221 0.30 -18.00 0.17
C ILE A 221 1.79 -17.67 0.18
N LYS A 222 2.64 -18.69 0.07
CA LYS A 222 4.10 -18.53 -0.01
C LYS A 222 4.51 -17.54 -1.11
N ASP A 223 3.85 -17.65 -2.26
CA ASP A 223 4.10 -16.77 -3.42
C ASP A 223 3.59 -15.35 -3.28
N ASN A 224 2.51 -15.15 -2.56
CA ASN A 224 1.83 -13.86 -2.55
C ASN A 224 1.93 -13.05 -1.25
N ILE A 225 2.37 -13.71 -0.19
CA ILE A 225 2.45 -13.07 1.13
C ILE A 225 3.86 -13.24 1.69
N SER A 226 4.44 -12.16 2.19
CA SER A 226 5.78 -12.16 2.76
C SER A 226 5.86 -13.01 4.03
N PRO A 227 7.06 -13.57 4.32
CA PRO A 227 7.26 -14.24 5.61
C PRO A 227 6.89 -13.39 6.82
N LYS A 228 7.13 -12.07 6.75
CA LYS A 228 6.77 -11.18 7.86
C LYS A 228 5.25 -11.07 8.03
N LEU A 229 4.53 -10.94 6.91
CA LEU A 229 3.06 -10.96 6.98
C LEU A 229 2.46 -12.30 7.40
N HIS A 230 3.17 -13.40 7.15
CA HIS A 230 2.77 -14.72 7.65
C HIS A 230 2.59 -14.73 9.18
N VAL A 231 3.29 -13.85 9.89
CA VAL A 231 3.18 -13.75 11.36
C VAL A 231 2.40 -12.52 11.81
N ASP A 232 1.63 -11.95 10.89
CA ASP A 232 0.80 -10.79 11.16
C ASP A 232 -0.60 -11.28 11.54
N LYS A 233 -1.14 -10.74 12.63
CA LYS A 233 -2.49 -11.06 13.10
C LYS A 233 -3.60 -10.85 12.08
N GLY A 234 -3.52 -9.78 11.29
CA GLY A 234 -4.48 -9.51 10.21
C GLY A 234 -4.47 -10.58 9.12
N PHE A 235 -3.27 -11.09 8.82
CA PHE A 235 -3.12 -12.17 7.84
C PHE A 235 -3.83 -13.41 8.36
N VAL A 236 -3.56 -13.75 9.62
CA VAL A 236 -4.18 -14.92 10.23
C VAL A 236 -5.72 -14.82 10.21
N ASN A 237 -6.25 -13.65 10.53
CA ASN A 237 -7.70 -13.42 10.49
C ASN A 237 -8.29 -13.75 9.14
N ILE A 238 -7.68 -13.23 8.09
CA ILE A 238 -8.11 -13.47 6.72
C ILE A 238 -7.93 -14.94 6.33
N LEU A 239 -6.77 -15.51 6.62
CA LEU A 239 -6.49 -16.93 6.34
C LEU A 239 -7.58 -17.84 6.92
N MET A 240 -7.81 -17.72 8.23
CA MET A 240 -8.78 -18.55 8.93
CA MET A 240 -8.78 -18.56 8.94
C MET A 240 -10.21 -18.30 8.45
N THR A 241 -10.54 -17.02 8.29
CA THR A 241 -11.88 -16.63 7.81
C THR A 241 -12.16 -17.25 6.44
N SER A 242 -11.17 -17.20 5.56
CA SER A 242 -11.33 -17.78 4.23
C SER A 242 -11.56 -19.30 4.26
N PHE A 243 -10.76 -20.02 5.05
CA PHE A 243 -10.96 -21.47 5.21
C PHE A 243 -12.36 -21.80 5.75
N LEU A 244 -12.77 -21.07 6.78
CA LEU A 244 -14.05 -21.28 7.40
C LEU A 244 -15.21 -21.00 6.47
N GLN A 245 -15.09 -19.93 5.69
CA GLN A 245 -16.10 -19.59 4.68
C GLN A 245 -16.20 -20.69 3.63
N TYR A 246 -15.05 -21.23 3.23
CA TYR A 246 -15.03 -22.33 2.27
C TYR A 246 -15.74 -23.57 2.84
N ILE A 247 -15.32 -23.97 4.04
CA ILE A 247 -15.90 -25.14 4.71
C ILE A 247 -17.42 -25.03 4.80
N SER A 248 -17.91 -23.90 5.34
CA SER A 248 -19.35 -23.74 5.54
C SER A 248 -20.14 -23.66 4.23
N SER A 249 -19.54 -23.08 3.19
CA SER A 249 -20.18 -23.00 1.86
C SER A 249 -20.33 -24.37 1.20
N GLU A 250 -19.45 -25.31 1.57
CA GLU A 250 -19.49 -26.68 1.04
C GLU A 250 -20.32 -27.62 1.91
N VAL A 251 -20.34 -27.38 3.22
CA VAL A 251 -21.03 -28.23 4.19
C VAL A 251 -22.51 -27.85 4.32
N ASN A 252 -22.83 -26.58 4.09
CA ASN A 252 -24.22 -26.10 4.12
C ASN A 252 -24.74 -25.79 2.71
N ALA A 263 -28.94 -27.78 14.65
CA ALA A 263 -28.02 -28.92 14.70
C ALA A 263 -27.98 -29.69 13.37
N PRO A 264 -26.78 -29.94 12.83
CA PRO A 264 -26.58 -30.57 11.52
C PRO A 264 -26.54 -32.10 11.55
N SER A 265 -26.75 -32.71 10.39
CA SER A 265 -26.70 -34.17 10.25
C SER A 265 -25.32 -34.74 10.54
N LYS A 266 -25.28 -36.04 10.85
CA LYS A 266 -24.05 -36.78 11.07
C LYS A 266 -23.11 -36.65 9.87
N GLU A 267 -23.70 -36.59 8.67
CA GLU A 267 -22.99 -36.48 7.41
C GLU A 267 -22.31 -35.11 7.26
N GLN A 268 -23.06 -34.05 7.55
CA GLN A 268 -22.52 -32.69 7.54
C GLN A 268 -21.36 -32.54 8.52
N LEU A 269 -21.54 -33.09 9.72
CA LEU A 269 -20.49 -33.06 10.75
C LEU A 269 -19.22 -33.79 10.31
N GLU A 270 -19.39 -34.93 9.63
CA GLU A 270 -18.23 -35.69 9.17
C GLU A 270 -17.51 -35.00 8.01
N GLN A 271 -18.26 -34.47 7.05
CA GLN A 271 -17.70 -33.70 5.94
C GLN A 271 -16.88 -32.53 6.46
N GLU A 272 -17.50 -31.76 7.35
CA GLU A 272 -16.87 -30.63 8.02
C GLU A 272 -15.53 -31.01 8.67
N LYS A 273 -15.50 -32.13 9.38
CA LYS A 273 -14.29 -32.65 10.01
C LYS A 273 -13.25 -33.05 8.95
N GLN A 274 -13.70 -33.68 7.87
CA GLN A 274 -12.76 -34.12 6.82
C GLN A 274 -12.13 -32.94 6.10
N LEU A 275 -12.94 -31.92 5.81
CA LEU A 275 -12.46 -30.67 5.23
C LEU A 275 -11.42 -29.98 6.10
N LEU A 276 -11.70 -29.88 7.40
CA LEU A 276 -10.72 -29.38 8.37
C LEU A 276 -9.46 -30.24 8.41
N LEU A 277 -9.63 -31.56 8.39
CA LEU A 277 -8.48 -32.45 8.39
C LEU A 277 -7.60 -32.22 7.16
N SER A 278 -8.21 -31.90 6.02
CA SER A 278 -7.43 -31.64 4.82
C SER A 278 -6.69 -30.31 4.89
N PHE A 279 -7.32 -29.29 5.47
CA PHE A 279 -6.70 -27.95 5.58
C PHE A 279 -5.78 -27.77 6.79
N LYS A 280 -5.94 -28.64 7.79
CA LYS A 280 -5.14 -28.65 9.04
C LYS A 280 -3.62 -28.40 8.87
N PRO A 281 -2.94 -29.16 7.98
CA PRO A 281 -1.49 -28.92 7.87
C PRO A 281 -1.10 -27.50 7.43
N VAL A 282 -1.92 -26.89 6.58
CA VAL A 282 -1.73 -25.49 6.17
C VAL A 282 -1.93 -24.53 7.35
N MET A 283 -3.00 -24.73 8.13
CA MET A 283 -3.28 -23.92 9.32
C MET A 283 -2.14 -24.04 10.33
N GLN A 284 -1.74 -25.28 10.64
CA GLN A 284 -0.62 -25.58 11.55
C GLN A 284 0.68 -24.92 11.14
N LYS A 285 0.97 -24.92 9.84
CA LYS A 285 2.21 -24.32 9.32
C LYS A 285 2.36 -22.84 9.73
N PHE A 286 1.25 -22.11 9.72
CA PHE A 286 1.27 -20.68 10.08
C PHE A 286 1.03 -20.42 11.58
N LEU A 287 0.31 -21.32 12.24
CA LEU A 287 -0.09 -21.13 13.65
C LEU A 287 0.85 -21.70 14.72
N HIS A 288 1.54 -22.80 14.42
CA HIS A 288 2.42 -23.47 15.39
CA HIS A 288 2.40 -23.46 15.40
C HIS A 288 3.38 -22.46 16.03
N ASP A 289 3.48 -22.53 17.35
CA ASP A 289 4.42 -21.71 18.12
C ASP A 289 4.11 -20.22 18.11
N HIS A 290 2.86 -19.87 17.81
CA HIS A 290 2.43 -18.49 17.85
C HIS A 290 1.10 -18.37 18.59
N VAL A 291 1.17 -18.20 19.91
CA VAL A 291 -0.04 -18.09 20.73
C VAL A 291 -0.90 -16.90 20.30
N ASP A 292 -0.28 -15.74 20.09
CA ASP A 292 -1.02 -14.54 19.65
C ASP A 292 -1.77 -14.77 18.33
N LEU A 293 -1.11 -15.42 17.36
CA LEU A 293 -1.76 -15.73 16.09
C LEU A 293 -2.92 -16.72 16.28
N GLN A 294 -2.70 -17.72 17.14
CA GLN A 294 -3.76 -18.67 17.47
C GLN A 294 -4.95 -17.98 18.14
N VAL A 295 -4.70 -16.97 18.97
CA VAL A 295 -5.79 -16.11 19.47
C VAL A 295 -6.55 -15.40 18.32
N SER A 296 -5.81 -14.82 17.39
CA SER A 296 -6.41 -14.15 16.22
CA SER A 296 -6.41 -14.16 16.23
C SER A 296 -7.25 -15.12 15.39
N ALA A 297 -6.80 -16.38 15.34
CA ALA A 297 -7.53 -17.44 14.63
C ALA A 297 -8.86 -17.78 15.34
N LEU A 298 -8.85 -17.68 16.66
CA LEU A 298 -10.08 -17.88 17.43
C LEU A 298 -11.07 -16.73 17.25
N TYR A 299 -10.54 -15.50 17.17
CA TYR A 299 -11.36 -14.35 16.84
C TYR A 299 -12.03 -14.47 15.47
N ALA A 300 -11.27 -14.97 14.49
CA ALA A 300 -11.81 -15.23 13.15
C ALA A 300 -12.94 -16.25 13.21
N LEU A 301 -12.74 -17.31 13.99
CA LEU A 301 -13.79 -18.30 14.21
C LEU A 301 -15.03 -17.68 14.89
N GLN A 302 -14.79 -16.95 15.98
CA GLN A 302 -15.85 -16.21 16.68
C GLN A 302 -16.71 -15.39 15.72
N VAL A 303 -16.08 -14.53 14.91
CA VAL A 303 -16.83 -13.68 13.96
C VAL A 303 -17.56 -14.52 12.92
N HIS A 304 -16.88 -15.55 12.40
CA HIS A 304 -17.52 -16.47 11.45
C HIS A 304 -18.83 -17.07 11.98
N CYS A 305 -18.80 -17.62 13.19
CA CYS A 305 -20.03 -18.17 13.78
C CYS A 305 -21.05 -17.08 14.13
N TYR A 306 -20.54 -15.92 14.56
CA TYR A 306 -21.39 -14.75 14.84
C TYR A 306 -22.23 -14.34 13.62
N ASN A 307 -21.63 -14.41 12.43
CA ASN A 307 -22.34 -14.04 11.20
C ASN A 307 -23.49 -14.98 10.82
N SER A 308 -23.46 -16.20 11.36
CA SER A 308 -24.58 -17.13 11.17
C SER A 308 -25.48 -17.24 12.41
N ASN A 309 -25.42 -16.22 13.27
CA ASN A 309 -26.21 -16.15 14.51
C ASN A 309 -25.89 -17.29 15.48
N PHE A 310 -24.61 -17.64 15.55
CA PHE A 310 -24.11 -18.77 16.36
C PHE A 310 -25.01 -20.02 16.30
N PRO A 311 -25.01 -20.75 15.16
CA PRO A 311 -25.82 -21.96 15.03
C PRO A 311 -25.53 -22.96 16.16
N LYS A 312 -26.55 -23.70 16.59
CA LYS A 312 -26.45 -24.61 17.75
C LYS A 312 -25.17 -25.46 17.74
N GLY A 313 -24.32 -25.26 18.76
CA GLY A 313 -23.12 -26.10 18.92
C GLY A 313 -21.97 -25.88 17.94
N MET A 314 -22.14 -24.95 17.01
CA MET A 314 -21.13 -24.73 15.97
C MET A 314 -19.78 -24.25 16.51
N LEU A 315 -19.78 -23.13 17.23
CA LEU A 315 -18.53 -22.58 17.78
C LEU A 315 -17.79 -23.61 18.62
N LEU A 316 -18.52 -24.28 19.50
CA LEU A 316 -17.94 -25.27 20.40
C LEU A 316 -17.33 -26.45 19.63
N ARG A 317 -18.07 -27.02 18.67
CA ARG A 317 -17.51 -28.12 17.86
C ARG A 317 -16.24 -27.78 17.09
N PHE A 318 -16.13 -26.53 16.65
CA PHE A 318 -14.90 -26.03 16.05
C PHE A 318 -13.76 -25.82 17.06
N PHE A 319 -14.08 -25.31 18.26
CA PHE A 319 -13.11 -25.29 19.37
C PHE A 319 -12.54 -26.69 19.64
N VAL A 320 -13.42 -27.69 19.70
CA VAL A 320 -13.01 -29.06 19.99
C VAL A 320 -12.10 -29.59 18.86
N HIS A 321 -12.53 -29.39 17.61
CA HIS A 321 -11.69 -29.73 16.47
C HIS A 321 -10.31 -29.07 16.55
N PHE A 322 -10.28 -27.76 16.80
CA PHE A 322 -9.04 -27.01 16.81
C PHE A 322 -8.06 -27.56 17.85
N TYR A 323 -8.60 -27.90 19.02
CA TYR A 323 -7.84 -28.50 20.12
C TYR A 323 -7.29 -29.89 19.74
N ASP A 324 -8.17 -30.77 19.27
CA ASP A 324 -7.82 -32.16 18.97
C ASP A 324 -6.88 -32.33 17.77
N MET A 325 -6.99 -31.42 16.80
CA MET A 325 -6.16 -31.46 15.59
C MET A 325 -4.84 -30.70 15.77
N GLU A 326 -4.60 -30.22 16.98
CA GLU A 326 -3.42 -29.41 17.30
C GLU A 326 -3.26 -28.20 16.37
N ILE A 327 -4.36 -27.54 16.06
CA ILE A 327 -4.34 -26.29 15.30
C ILE A 327 -4.19 -25.14 16.31
N ILE A 328 -4.92 -25.27 17.42
CA ILE A 328 -4.86 -24.28 18.51
C ILE A 328 -4.49 -24.98 19.81
N GLU A 329 -3.47 -24.49 20.49
CA GLU A 329 -3.06 -25.10 21.75
C GLU A 329 -3.86 -24.54 22.92
N GLU A 330 -3.93 -25.32 24.00
CA GLU A 330 -4.69 -24.97 25.20
C GLU A 330 -4.50 -23.52 25.64
N GLU A 331 -3.26 -23.04 25.68
CA GLU A 331 -2.99 -21.71 26.24
C GLU A 331 -3.61 -20.57 25.43
N ALA A 332 -3.73 -20.75 24.12
CA ALA A 332 -4.39 -19.75 23.27
C ALA A 332 -5.91 -19.66 23.49
N PHE A 333 -6.56 -20.79 23.74
CA PHE A 333 -7.99 -20.79 24.09
C PHE A 333 -8.24 -19.95 25.34
N LEU A 334 -7.34 -20.10 26.31
CA LEU A 334 -7.51 -19.40 27.60
C LEU A 334 -7.17 -17.92 27.45
N ALA A 335 -6.09 -17.65 26.71
CA ALA A 335 -5.71 -16.28 26.36
C ALA A 335 -6.78 -15.56 25.56
N TRP A 336 -7.44 -16.25 24.63
CA TRP A 336 -8.56 -15.64 23.89
C TRP A 336 -9.67 -15.16 24.83
N LYS A 337 -10.02 -16.01 25.79
CA LYS A 337 -11.07 -15.68 26.76
C LYS A 337 -10.72 -14.41 27.55
N GLU A 338 -9.46 -14.30 27.95
CA GLU A 338 -8.95 -13.17 28.73
C GLU A 338 -8.75 -11.87 27.92
N ASP A 339 -8.51 -12.01 26.62
CA ASP A 339 -8.19 -10.87 25.75
C ASP A 339 -9.36 -9.88 25.67
N ILE A 340 -9.02 -8.59 25.77
CA ILE A 340 -10.02 -7.54 26.01
C ILE A 340 -10.61 -6.88 24.75
N THR A 341 -10.17 -7.32 23.57
CA THR A 341 -10.58 -6.71 22.29
C THR A 341 -12.10 -6.66 22.11
N GLN A 342 -12.60 -5.51 21.68
CA GLN A 342 -13.99 -5.37 21.24
C GLN A 342 -14.08 -5.01 19.75
N GLU A 343 -12.94 -5.13 19.09
CA GLU A 343 -12.81 -5.00 17.63
C GLU A 343 -13.62 -6.09 16.92
N PHE A 344 -13.85 -7.21 17.61
CA PHE A 344 -14.61 -8.33 17.04
C PHE A 344 -15.94 -8.54 17.75
N PRO A 345 -17.05 -8.55 16.98
CA PRO A 345 -18.36 -8.74 17.58
C PRO A 345 -18.57 -10.15 18.13
N GLY A 346 -19.42 -10.24 19.14
CA GLY A 346 -19.99 -11.52 19.55
C GLY A 346 -19.24 -12.26 20.64
N LYS A 347 -18.30 -11.57 21.30
CA LYS A 347 -17.47 -12.20 22.33
C LYS A 347 -18.27 -12.74 23.53
N GLY A 348 -19.30 -12.02 23.94
CA GLY A 348 -20.12 -12.46 25.08
C GLY A 348 -20.95 -13.69 24.76
N LYS A 349 -21.64 -13.66 23.62
CA LYS A 349 -22.33 -14.84 23.11
C LYS A 349 -21.37 -16.01 22.88
N ALA A 350 -20.18 -15.72 22.36
CA ALA A 350 -19.16 -16.75 22.13
C ALA A 350 -18.73 -17.42 23.43
N LEU A 351 -18.40 -16.61 24.43
CA LEU A 351 -17.99 -17.10 25.76
C LEU A 351 -19.06 -17.93 26.45
N PHE A 352 -20.32 -17.52 26.32
CA PHE A 352 -21.44 -18.29 26.86
C PHE A 352 -21.42 -19.74 26.41
N GLN A 353 -21.15 -19.96 25.12
CA GLN A 353 -21.13 -21.32 24.53
C GLN A 353 -19.93 -22.19 24.95
N VAL A 354 -18.75 -21.59 25.12
CA VAL A 354 -17.51 -22.36 25.29
C VAL A 354 -16.92 -22.32 26.69
N ASN A 355 -17.50 -21.47 27.56
CA ASN A 355 -16.94 -21.27 28.89
C ASN A 355 -16.81 -22.56 29.70
N GLN A 356 -17.80 -23.44 29.63
CA GLN A 356 -17.75 -24.68 30.41
C GLN A 356 -16.64 -25.60 29.94
N TRP A 357 -16.44 -25.64 28.62
CA TRP A 357 -15.37 -26.44 28.04
C TRP A 357 -13.99 -25.91 28.51
N LEU A 358 -13.84 -24.58 28.48
CA LEU A 358 -12.62 -23.92 28.94
C LEU A 358 -12.39 -24.19 30.44
N THR A 359 -13.45 -24.05 31.23
CA THR A 359 -13.34 -24.35 32.67
C THR A 359 -12.89 -25.80 32.88
N TRP A 360 -13.48 -26.71 32.11
CA TRP A 360 -13.06 -28.11 32.10
C TRP A 360 -11.55 -28.32 31.84
N LEU A 361 -11.01 -27.62 30.84
CA LEU A 361 -9.57 -27.68 30.56
C LEU A 361 -8.73 -27.25 31.77
N GLU A 362 -9.25 -26.28 32.52
CA GLU A 362 -8.50 -25.71 33.66
C GLU A 362 -8.65 -26.48 34.98
N THR A 363 -9.78 -27.17 35.15
CA THR A 363 -10.15 -27.67 36.49
C THR A 363 -10.23 -29.20 36.62
N ALA A 364 -10.54 -29.89 35.53
CA ALA A 364 -10.78 -31.34 35.58
C ALA A 364 -9.51 -32.15 35.76
#